data_2REX
#
_entry.id   2REX
#
_cell.length_a   150.136
_cell.length_b   71.653
_cell.length_c   101.885
_cell.angle_alpha   90.000
_cell.angle_beta   128.360
_cell.angle_gamma   90.000
#
_symmetry.space_group_name_H-M   'C 1 2 1'
#
loop_
_entity.id
_entity.type
_entity.pdbx_description
1 polymer Plexin-B1
2 polymer 'Rho-related GTP-binding protein Rho6'
3 non-polymer 'UNKNOWN ATOM OR ION'
4 non-polymer 'MAGNESIUM ION'
5 non-polymer 'CALCIUM ION'
6 non-polymer 'PHOSPHOAMINOPHOSPHONIC ACID-GUANYLATE ESTER'
7 water water
#
loop_
_entity_poly.entity_id
_entity_poly.type
_entity_poly.pdbx_seq_one_letter_code
_entity_poly.pdbx_strand_id
1 'polypeptide(L)'
;GDVEYRPLTLNALLAVGPGAGEAQGVPVKVLDCDTISQAKEKMLDQLYKGVPLTQRPDPRTLDVEWRSGVAGHLILSDED
VTSEVQGLWRRLNTLQHYKVPDGATVALVPCLTKHVLRENQ
;
A,C
2 'polypeptide(L)'
;GRAPQPVVARCKLVLVGDVQCGKTAMLQVLAKDCYPETYVPTVFENYTACLETEEQRVELSLWDTSGSPYYDNVRPLCYS
DSDAVLLCFDISRPETVDSALKKWRTEILDYCPSTRVLLIGCKTDLRTDLSTLMELSHQKQAPISYEQGCAIAKQLGAEI
YLEGSAFTSEKSIHSIFRTASMLCLNKPSPLPQKSPV
;
B,D
#
# COMPACT_ATOMS: atom_id res chain seq x y z
N TYR A 5 -22.83 -9.17 -7.98
CA TYR A 5 -21.75 -8.88 -8.99
C TYR A 5 -22.20 -9.21 -10.41
N ARG A 6 -21.34 -8.88 -11.38
CA ARG A 6 -21.68 -8.94 -12.80
C ARG A 6 -20.37 -8.99 -13.65
N PRO A 7 -20.41 -9.67 -14.84
CA PRO A 7 -19.26 -9.71 -15.74
C PRO A 7 -19.19 -8.52 -16.70
N LEU A 8 -17.96 -8.13 -17.03
CA LEU A 8 -17.68 -6.95 -17.87
C LEU A 8 -16.67 -7.36 -18.87
N THR A 9 -16.58 -6.68 -20.00
CA THR A 9 -15.45 -6.87 -20.90
C THR A 9 -14.75 -5.54 -21.04
N LEU A 10 -13.45 -5.51 -20.80
CA LEU A 10 -12.67 -4.29 -20.92
C LEU A 10 -11.83 -4.32 -22.20
N ASN A 11 -11.54 -3.14 -22.74
CA ASN A 11 -10.52 -3.01 -23.75
C ASN A 11 -9.16 -2.78 -23.09
N ALA A 12 -8.40 -3.85 -22.94
CA ALA A 12 -7.13 -3.79 -22.24
C ALA A 12 -5.95 -3.35 -23.16
N LEU A 13 -5.26 -2.28 -22.76
CA LEU A 13 -4.06 -1.74 -23.44
C LEU A 13 -2.81 -1.86 -22.58
N LEU A 14 -1.67 -2.07 -23.23
CA LEU A 14 -0.36 -1.77 -22.63
C LEU A 14 0.07 -0.38 -23.13
N ALA A 15 0.47 0.48 -22.22
CA ALA A 15 0.71 1.89 -22.52
C ALA A 15 2.08 2.26 -22.01
N VAL A 16 2.71 3.25 -22.65
CA VAL A 16 4.07 3.69 -22.26
C VAL A 16 4.05 4.51 -20.97
N GLY A 17 2.98 5.26 -20.76
CA GLY A 17 2.81 6.03 -19.55
C GLY A 17 1.37 6.46 -19.34
N PRO A 18 1.06 6.94 -18.12
CA PRO A 18 -0.27 7.46 -17.82
C PRO A 18 -0.63 8.60 -18.76
N GLY A 19 -1.88 8.65 -19.22
CA GLY A 19 -2.23 9.67 -20.19
C GLY A 19 -3.56 9.53 -20.87
N ALA A 20 -3.79 10.46 -21.79
CA ALA A 20 -5.11 10.70 -22.35
C ALA A 20 -5.32 9.86 -23.61
N GLY A 21 -6.52 9.29 -23.72
CA GLY A 21 -6.98 8.71 -24.97
C GLY A 21 -6.91 7.20 -24.99
N GLU A 22 -7.39 6.60 -26.06
CA GLU A 22 -7.43 5.18 -26.14
C GLU A 22 -7.07 4.70 -27.54
N ALA A 23 -6.92 3.39 -27.65
CA ALA A 23 -6.48 2.76 -28.87
C ALA A 23 -7.02 1.37 -28.80
N GLN A 24 -6.95 0.66 -29.93
CA GLN A 24 -7.33 -0.75 -30.00
C GLN A 24 -6.49 -1.63 -29.03
N GLY A 25 -7.18 -2.24 -28.07
CA GLY A 25 -6.57 -3.23 -27.17
C GLY A 25 -7.18 -4.60 -27.35
N VAL A 26 -7.04 -5.44 -26.32
CA VAL A 26 -7.57 -6.80 -26.32
C VAL A 26 -8.82 -6.89 -25.42
N PRO A 27 -9.93 -7.49 -25.92
CA PRO A 27 -11.05 -7.73 -24.99
C PRO A 27 -10.66 -8.69 -23.84
N VAL A 28 -10.96 -8.27 -22.61
CA VAL A 28 -10.63 -9.06 -21.43
C VAL A 28 -11.88 -9.18 -20.55
N LYS A 29 -12.34 -10.41 -20.34
CA LYS A 29 -13.52 -10.64 -19.50
C LYS A 29 -13.10 -10.67 -18.05
N VAL A 30 -13.74 -9.82 -17.24
CA VAL A 30 -13.48 -9.72 -15.79
C VAL A 30 -14.83 -9.67 -15.07
N LEU A 31 -14.79 -9.68 -13.74
CA LEU A 31 -15.98 -9.47 -12.92
C LEU A 31 -15.89 -8.11 -12.28
N ASP A 32 -17.05 -7.51 -11.98
CA ASP A 32 -17.02 -6.16 -11.39
C ASP A 32 -16.61 -6.18 -9.90
N CYS A 33 -16.74 -7.36 -9.26
CA CYS A 33 -16.27 -7.57 -7.90
C CYS A 33 -14.77 -7.91 -7.80
N ASP A 34 -14.10 -8.04 -8.94
CA ASP A 34 -12.65 -8.14 -8.95
C ASP A 34 -11.99 -6.91 -8.41
N THR A 35 -11.00 -7.09 -7.53
CA THR A 35 -10.13 -6.03 -7.08
C THR A 35 -9.30 -5.50 -8.27
N ILE A 36 -8.74 -4.32 -8.14
CA ILE A 36 -7.93 -3.75 -9.22
C ILE A 36 -6.72 -4.67 -9.57
N SER A 37 -6.13 -5.32 -8.56
CA SER A 37 -5.06 -6.33 -8.74
C SER A 37 -5.50 -7.55 -9.52
N GLN A 38 -6.68 -8.08 -9.19
CA GLN A 38 -7.23 -9.25 -9.87
C GLN A 38 -7.53 -8.94 -11.35
N ALA A 39 -8.13 -7.79 -11.61
CA ALA A 39 -8.37 -7.34 -12.98
C ALA A 39 -7.06 -7.10 -13.75
N LYS A 40 -6.06 -6.52 -13.09
CA LYS A 40 -4.74 -6.36 -13.72
C LYS A 40 -4.17 -7.72 -14.14
N GLU A 41 -4.21 -8.67 -13.20
CA GLU A 41 -3.74 -10.02 -13.45
C GLU A 41 -4.48 -10.67 -14.61
N LYS A 42 -5.81 -10.53 -14.63
CA LYS A 42 -6.60 -11.11 -15.73
C LYS A 42 -6.24 -10.47 -17.07
N MET A 43 -6.03 -9.16 -17.07
CA MET A 43 -5.64 -8.41 -18.26
C MET A 43 -4.30 -8.90 -18.77
N LEU A 44 -3.33 -9.02 -17.86
CA LEU A 44 -1.98 -9.54 -18.22
C LEU A 44 -1.97 -10.98 -18.72
N ASP A 45 -2.85 -11.83 -18.21
CA ASP A 45 -3.00 -13.20 -18.73
C ASP A 45 -3.44 -13.20 -20.19
N GLN A 46 -4.17 -12.17 -20.60
CA GLN A 46 -4.61 -12.04 -21.99
C GLN A 46 -3.59 -11.32 -22.87
N LEU A 47 -3.05 -10.20 -22.38
CA LEU A 47 -2.08 -9.40 -23.12
C LEU A 47 -0.78 -10.18 -23.37
N TYR A 48 -0.49 -11.14 -22.47
CA TYR A 48 0.67 -12.04 -22.61
C TYR A 48 0.28 -13.54 -22.76
N LYS A 49 -0.85 -13.80 -23.42
CA LYS A 49 -1.25 -15.18 -23.73
C LYS A 49 -0.22 -15.86 -24.65
N GLY A 50 0.30 -17.03 -24.26
CA GLY A 50 1.32 -17.75 -25.04
C GLY A 50 2.78 -17.40 -24.72
N VAL A 51 2.99 -16.30 -23.99
CA VAL A 51 4.32 -15.80 -23.64
C VAL A 51 4.79 -16.38 -22.29
N PRO A 52 5.95 -17.09 -22.26
CA PRO A 52 6.47 -17.63 -20.98
C PRO A 52 6.61 -16.60 -19.84
N LEU A 53 6.40 -17.05 -18.61
CA LEU A 53 6.23 -16.17 -17.44
C LEU A 53 7.47 -15.35 -17.09
N THR A 54 8.64 -15.90 -17.37
CA THR A 54 9.89 -15.20 -17.15
C THR A 54 10.12 -14.09 -18.18
N GLN A 55 9.30 -14.06 -19.24
CA GLN A 55 9.33 -12.98 -20.25
C GLN A 55 8.20 -11.96 -20.04
N ARG A 56 7.28 -12.23 -19.12
CA ARG A 56 6.23 -11.28 -18.78
C ARG A 56 6.74 -10.31 -17.72
N PRO A 57 6.15 -9.11 -17.66
CA PRO A 57 6.49 -8.19 -16.59
C PRO A 57 5.88 -8.58 -15.23
N ASP A 58 6.59 -8.25 -14.16
CA ASP A 58 6.09 -8.36 -12.80
C ASP A 58 4.89 -7.39 -12.70
N PRO A 59 3.69 -7.91 -12.37
CA PRO A 59 2.51 -7.06 -12.29
C PRO A 59 2.62 -5.92 -11.25
N ARG A 60 3.45 -6.10 -10.24
CA ARG A 60 3.66 -5.10 -9.21
C ARG A 60 4.29 -3.81 -9.74
N THR A 61 4.90 -3.89 -10.94
CA THR A 61 5.53 -2.74 -11.58
C THR A 61 4.61 -1.98 -12.54
N LEU A 62 3.33 -2.38 -12.60
CA LEU A 62 2.35 -1.76 -13.50
C LEU A 62 1.17 -1.22 -12.70
N ASP A 63 0.69 -0.03 -13.07
CA ASP A 63 -0.55 0.55 -12.54
C ASP A 63 -1.67 0.39 -13.54
N VAL A 64 -2.89 0.39 -13.03
CA VAL A 64 -4.09 0.30 -13.83
C VAL A 64 -4.68 1.69 -14.01
N GLU A 65 -4.87 2.09 -15.27
CA GLU A 65 -5.50 3.38 -15.60
C GLU A 65 -6.84 3.23 -16.39
N TRP A 66 -7.93 3.75 -15.81
CA TRP A 66 -9.23 3.81 -16.48
C TRP A 66 -9.20 5.00 -17.41
N ARG A 67 -9.33 4.76 -18.71
CA ARG A 67 -9.43 5.83 -19.70
C ARG A 67 -10.92 5.94 -20.07
N SER A 68 -11.52 7.10 -19.83
CA SER A 68 -12.93 7.36 -20.09
C SER A 68 -13.11 8.63 -20.89
N GLY A 69 -14.10 8.66 -21.79
CA GLY A 69 -14.38 9.82 -22.63
C GLY A 69 -13.31 9.96 -23.73
N VAL A 70 -13.04 11.19 -24.13
CA VAL A 70 -11.98 11.51 -25.08
C VAL A 70 -10.60 11.46 -24.43
N ALA A 71 -10.41 12.12 -23.27
CA ALA A 71 -9.05 12.32 -22.66
C ALA A 71 -8.98 12.13 -21.14
N GLY A 72 -10.00 11.54 -20.54
CA GLY A 72 -10.00 11.26 -19.12
C GLY A 72 -9.16 10.04 -18.77
N HIS A 73 -8.43 10.09 -17.67
CA HIS A 73 -7.51 9.01 -17.29
C HIS A 73 -7.26 9.09 -15.79
N LEU A 74 -7.53 7.99 -15.09
CA LEU A 74 -7.31 7.95 -13.65
C LEU A 74 -6.71 6.61 -13.23
N ILE A 75 -5.70 6.66 -12.35
CA ILE A 75 -5.11 5.48 -11.78
C ILE A 75 -6.04 4.91 -10.68
N LEU A 76 -6.43 3.65 -10.87
CA LEU A 76 -7.17 2.88 -9.88
C LEU A 76 -6.20 1.96 -9.11
N SER A 77 -6.52 1.70 -7.84
CA SER A 77 -5.68 0.87 -6.97
C SER A 77 -6.53 0.18 -5.92
N ASP A 78 -6.07 -0.96 -5.44
CA ASP A 78 -6.78 -1.75 -4.43
C ASP A 78 -7.14 -0.91 -3.22
N GLU A 79 -6.23 -0.02 -2.83
CA GLU A 79 -6.46 0.87 -1.72
C GLU A 79 -5.96 2.30 -1.97
N ASP A 80 -6.85 3.27 -1.75
CA ASP A 80 -6.52 4.67 -1.95
C ASP A 80 -7.42 5.52 -1.07
N VAL A 81 -7.38 6.83 -1.24
CA VAL A 81 -8.17 7.71 -0.38
C VAL A 81 -9.71 7.53 -0.47
N THR A 82 -10.17 6.81 -1.48
CA THR A 82 -11.61 6.53 -1.64
C THR A 82 -12.09 5.22 -1.00
N SER A 83 -11.17 4.38 -0.53
CA SER A 83 -11.55 3.06 0.01
C SER A 83 -12.45 3.19 1.20
N GLU A 84 -13.41 2.25 1.33
CA GLU A 84 -14.30 2.23 2.51
C GLU A 84 -13.52 1.80 3.78
N VAL A 85 -13.84 2.43 4.89
CA VAL A 85 -13.22 2.15 6.17
C VAL A 85 -14.30 1.90 7.21
N GLN A 86 -14.04 0.97 8.10
CA GLN A 86 -14.88 0.68 9.25
C GLN A 86 -13.98 0.20 10.33
N GLY A 87 -13.75 1.04 11.33
CA GLY A 87 -12.85 0.70 12.42
C GLY A 87 -11.43 0.67 11.91
N LEU A 88 -10.72 -0.43 12.21
CA LEU A 88 -9.37 -0.69 11.67
C LEU A 88 -9.37 -1.40 10.31
N TRP A 89 -10.55 -1.67 9.74
CA TRP A 89 -10.66 -2.45 8.50
C TRP A 89 -10.89 -1.53 7.29
N ARG A 90 -10.21 -1.84 6.19
CA ARG A 90 -10.47 -1.21 4.89
C ARG A 90 -10.84 -2.24 3.84
N ARG A 91 -11.79 -1.84 2.98
CA ARG A 91 -12.24 -2.67 1.87
C ARG A 91 -11.37 -2.40 0.67
N LEU A 92 -10.81 -3.47 0.09
CA LEU A 92 -10.08 -3.40 -1.18
C LEU A 92 -11.03 -2.92 -2.29
N ASN A 93 -10.54 -2.01 -3.13
CA ASN A 93 -11.32 -1.39 -4.21
C ASN A 93 -11.51 -2.37 -5.36
N THR A 94 -12.74 -2.46 -5.84
CA THR A 94 -13.13 -3.35 -6.93
C THR A 94 -13.54 -2.47 -8.08
N LEU A 95 -13.74 -3.09 -9.25
CA LEU A 95 -14.21 -2.36 -10.44
C LEU A 95 -15.58 -1.73 -10.14
N GLN A 96 -16.40 -2.45 -9.36
CA GLN A 96 -17.69 -1.96 -8.93
C GLN A 96 -17.62 -0.72 -8.03
N HIS A 97 -16.65 -0.67 -7.12
CA HIS A 97 -16.36 0.51 -6.29
C HIS A 97 -16.24 1.78 -7.12
N TYR A 98 -15.44 1.69 -8.20
CA TYR A 98 -15.20 2.83 -9.08
C TYR A 98 -16.31 3.06 -10.15
N LYS A 99 -17.10 2.02 -10.39
CA LYS A 99 -18.18 1.97 -11.38
C LYS A 99 -17.63 1.91 -12.80
N VAL A 100 -16.53 1.17 -12.99
CA VAL A 100 -15.96 0.95 -14.34
C VAL A 100 -16.99 0.18 -15.14
N PRO A 101 -17.46 0.74 -16.30
CA PRO A 101 -18.45 0.03 -17.09
C PRO A 101 -17.87 -0.96 -18.11
N ASP A 102 -18.75 -1.80 -18.58
CA ASP A 102 -18.53 -2.72 -19.66
C ASP A 102 -18.05 -1.95 -20.88
N GLY A 103 -17.01 -2.44 -21.54
CA GLY A 103 -16.44 -1.77 -22.73
C GLY A 103 -15.39 -0.70 -22.46
N ALA A 104 -15.14 -0.42 -21.17
CA ALA A 104 -14.20 0.61 -20.77
C ALA A 104 -12.76 0.24 -21.21
N THR A 105 -11.99 1.24 -21.65
CA THR A 105 -10.56 1.02 -21.90
C THR A 105 -9.85 1.14 -20.57
N VAL A 106 -9.00 0.17 -20.26
CA VAL A 106 -8.16 0.19 -19.08
C VAL A 106 -6.73 -0.06 -19.57
N ALA A 107 -5.79 0.86 -19.26
CA ALA A 107 -4.38 0.71 -19.67
C ALA A 107 -3.49 0.26 -18.52
N LEU A 108 -2.52 -0.58 -18.84
CA LEU A 108 -1.49 -0.94 -17.90
C LEU A 108 -0.28 -0.08 -18.21
N VAL A 109 0.15 0.70 -17.20
CA VAL A 109 1.19 1.68 -17.35
C VAL A 109 2.33 1.38 -16.36
N PRO A 110 3.60 1.65 -16.78
CA PRO A 110 4.73 1.53 -15.85
C PRO A 110 4.47 2.32 -14.56
N CYS A 111 4.70 1.66 -13.43
CA CYS A 111 4.40 2.21 -12.12
C CYS A 111 5.56 3.08 -11.61
N ARG B 10 1.29 26.58 -16.23
CA ARG B 10 0.49 25.33 -16.25
C ARG B 10 -0.32 25.18 -14.94
N CYS B 11 -1.63 25.01 -15.10
CA CYS B 11 -2.57 24.98 -13.97
CA CYS B 11 -2.57 24.98 -13.98
C CYS B 11 -3.52 23.81 -14.16
N LYS B 12 -3.85 23.12 -13.06
CA LYS B 12 -4.86 22.04 -13.11
C LYS B 12 -6.08 22.48 -12.31
N LEU B 13 -7.25 22.57 -12.97
CA LEU B 13 -8.48 22.97 -12.32
C LEU B 13 -9.46 21.83 -12.39
N VAL B 14 -10.23 21.65 -11.32
CA VAL B 14 -11.26 20.63 -11.24
C VAL B 14 -12.60 21.27 -10.96
N LEU B 15 -13.59 20.90 -11.74
CA LEU B 15 -14.91 21.45 -11.61
C LEU B 15 -15.77 20.42 -10.92
N VAL B 16 -16.50 20.84 -9.89
CA VAL B 16 -17.43 19.94 -9.16
C VAL B 16 -18.68 20.69 -8.82
N GLY B 17 -19.75 19.98 -8.50
CA GLY B 17 -21.05 20.61 -8.26
C GLY B 17 -22.14 19.67 -8.70
N ASP B 18 -23.40 19.96 -8.29
CA ASP B 18 -24.57 19.12 -8.63
C ASP B 18 -24.73 18.81 -10.13
N VAL B 19 -25.34 17.67 -10.40
CA VAL B 19 -25.75 17.24 -11.73
C VAL B 19 -26.61 18.31 -12.39
N GLN B 20 -26.48 18.47 -13.70
CA GLN B 20 -27.16 19.48 -14.49
C GLN B 20 -26.91 20.94 -14.12
N CYS B 21 -25.88 21.23 -13.33
CA CYS B 21 -25.68 22.59 -12.82
C CYS B 21 -24.99 23.48 -13.84
N GLY B 22 -24.29 22.88 -14.82
CA GLY B 22 -23.71 23.66 -15.91
C GLY B 22 -22.19 23.55 -16.17
N LYS B 23 -21.54 22.59 -15.54
CA LYS B 23 -20.08 22.43 -15.56
C LYS B 23 -19.53 22.11 -16.93
N THR B 24 -20.08 21.08 -17.58
CA THR B 24 -19.70 20.70 -18.94
C THR B 24 -20.05 21.74 -19.95
N ALA B 25 -21.22 22.37 -19.80
CA ALA B 25 -21.58 23.50 -20.71
C ALA B 25 -20.49 24.58 -20.78
N MET B 26 -19.93 24.98 -19.63
CA MET B 26 -18.80 25.94 -19.56
C MET B 26 -17.54 25.46 -20.22
N LEU B 27 -17.11 24.24 -19.91
CA LEU B 27 -15.88 23.71 -20.48
C LEU B 27 -15.97 23.57 -21.99
N GLN B 28 -17.14 23.11 -22.46
CA GLN B 28 -17.36 22.97 -23.89
C GLN B 28 -17.36 24.33 -24.62
N VAL B 29 -17.99 25.32 -24.03
CA VAL B 29 -17.96 26.65 -24.58
C VAL B 29 -16.52 27.17 -24.52
N LEU B 30 -15.87 26.97 -23.38
CA LEU B 30 -14.53 27.47 -23.18
C LEU B 30 -13.53 26.85 -24.14
N ALA B 31 -13.55 25.53 -24.26
CA ALA B 31 -12.49 24.80 -24.93
C ALA B 31 -12.88 24.29 -26.32
N LYS B 32 -14.16 24.07 -26.57
CA LYS B 32 -14.62 23.44 -27.83
C LYS B 32 -15.48 24.31 -28.75
N ASP B 33 -15.68 25.58 -28.39
CA ASP B 33 -16.51 26.53 -29.14
C ASP B 33 -17.95 26.02 -29.37
N CYS B 34 -18.51 25.40 -28.34
CA CYS B 34 -19.72 24.63 -28.49
C CYS B 34 -20.54 24.56 -27.19
N TYR B 35 -21.82 24.95 -27.28
CA TYR B 35 -22.77 24.85 -26.18
C TYR B 35 -23.60 23.60 -26.36
N PRO B 36 -23.52 22.69 -25.41
CA PRO B 36 -24.34 21.49 -25.45
C PRO B 36 -25.70 21.71 -24.76
N GLU B 37 -26.73 22.01 -25.55
CA GLU B 37 -28.06 22.27 -25.02
C GLU B 37 -28.78 21.02 -24.44
N THR B 38 -28.33 19.84 -24.84
CA THR B 38 -28.89 18.57 -24.38
C THR B 38 -27.99 18.02 -23.27
N TYR B 39 -28.62 17.61 -22.16
CA TYR B 39 -27.92 17.11 -20.98
C TYR B 39 -27.43 15.69 -21.26
N VAL B 40 -26.13 15.50 -21.19
CA VAL B 40 -25.52 14.21 -21.24
C VAL B 40 -24.65 14.14 -19.97
N PRO B 41 -25.00 13.26 -19.03
CA PRO B 41 -24.21 13.12 -17.78
C PRO B 41 -22.76 12.73 -18.00
N THR B 42 -21.87 13.40 -17.27
CA THR B 42 -20.45 13.14 -17.30
C THR B 42 -20.08 12.09 -16.30
N VAL B 43 -18.99 11.37 -16.59
CA VAL B 43 -18.30 10.54 -15.62
C VAL B 43 -17.04 11.33 -15.27
N PHE B 44 -16.05 11.30 -16.15
CA PHE B 44 -14.90 12.17 -16.00
C PHE B 44 -14.25 12.46 -17.36
N GLU B 45 -13.74 13.67 -17.52
CA GLU B 45 -13.21 14.14 -18.77
C GLU B 45 -12.14 15.20 -18.51
N ASN B 46 -11.22 15.36 -19.44
CA ASN B 46 -10.14 16.36 -19.38
C ASN B 46 -10.17 17.23 -20.68
N TYR B 47 -10.37 18.55 -20.47
CA TYR B 47 -10.17 19.59 -21.48
C TYR B 47 -8.83 20.33 -21.25
N THR B 48 -8.28 20.85 -22.34
CA THR B 48 -7.09 21.69 -22.32
C THR B 48 -7.42 23.06 -22.92
N ALA B 49 -7.29 24.12 -22.12
CA ALA B 49 -7.49 25.49 -22.66
C ALA B 49 -6.23 26.34 -22.50
N CYS B 50 -6.19 27.44 -23.25
CA CYS B 50 -5.06 28.36 -23.22
C CYS B 50 -5.61 29.79 -23.08
N LEU B 51 -5.25 30.47 -21.99
CA LEU B 51 -5.74 31.83 -21.73
C LEU B 51 -4.57 32.81 -21.54
N GLU B 52 -4.59 33.90 -22.32
CA GLU B 52 -3.45 34.86 -22.40
C GLU B 52 -3.34 35.73 -21.16
N GLN B 56 1.55 36.77 -19.60
CA GLN B 56 1.83 35.33 -19.72
C GLN B 56 0.66 34.50 -20.28
N ARG B 57 1.00 33.57 -21.17
CA ARG B 57 0.12 32.51 -21.61
C ARG B 57 0.05 31.46 -20.52
N VAL B 58 -1.16 31.00 -20.19
CA VAL B 58 -1.36 29.97 -19.17
C VAL B 58 -2.10 28.76 -19.78
N GLU B 59 -1.50 27.58 -19.64
CA GLU B 59 -2.10 26.32 -20.10
C GLU B 59 -2.92 25.69 -18.98
N LEU B 60 -4.23 25.65 -19.15
CA LEU B 60 -5.12 25.08 -18.16
C LEU B 60 -5.47 23.62 -18.47
N SER B 61 -5.34 22.75 -17.47
CA SER B 61 -5.79 21.38 -17.54
C SER B 61 -7.03 21.30 -16.72
N LEU B 62 -8.15 21.10 -17.39
CA LEU B 62 -9.45 21.26 -16.82
C LEU B 62 -10.11 19.89 -16.70
N TRP B 63 -10.47 19.49 -15.48
CA TRP B 63 -11.01 18.17 -15.21
C TRP B 63 -12.48 18.29 -14.87
N ASP B 64 -13.31 17.69 -15.71
CA ASP B 64 -14.76 17.70 -15.58
C ASP B 64 -15.16 16.39 -14.84
N THR B 65 -16.15 16.48 -13.96
CA THR B 65 -16.57 15.37 -13.09
C THR B 65 -18.09 15.29 -13.00
N SER B 66 -18.58 14.11 -12.66
CA SER B 66 -19.99 13.89 -12.33
C SER B 66 -20.43 14.56 -11.06
N GLY B 67 -21.59 15.17 -11.06
CA GLY B 67 -22.17 15.68 -9.81
C GLY B 67 -22.99 14.63 -9.06
N SER B 68 -22.94 13.37 -9.51
CA SER B 68 -23.80 12.30 -8.94
C SER B 68 -23.13 11.60 -7.78
N PRO B 69 -23.91 11.26 -6.72
CA PRO B 69 -23.40 10.37 -5.69
C PRO B 69 -22.93 9.03 -6.21
N TYR B 70 -23.46 8.61 -7.35
CA TYR B 70 -23.12 7.34 -7.97
C TYR B 70 -21.63 7.23 -8.25
N TYR B 71 -21.00 8.36 -8.56
CA TYR B 71 -19.55 8.43 -8.87
C TYR B 71 -18.68 9.05 -7.76
N ASP B 72 -19.15 8.99 -6.51
CA ASP B 72 -18.44 9.52 -5.32
C ASP B 72 -17.06 8.87 -5.11
N ASN B 73 -16.90 7.66 -5.65
CA ASN B 73 -15.69 6.88 -5.43
C ASN B 73 -14.62 7.19 -6.49
N VAL B 74 -14.97 7.70 -7.66
CA VAL B 74 -13.94 8.00 -8.68
C VAL B 74 -13.59 9.48 -8.78
N ARG B 75 -14.58 10.36 -8.56
CA ARG B 75 -14.42 11.83 -8.68
C ARG B 75 -13.31 12.39 -7.79
N PRO B 76 -13.21 11.92 -6.54
CA PRO B 76 -12.10 12.37 -5.71
C PRO B 76 -10.70 12.09 -6.26
N LEU B 77 -10.53 11.08 -7.10
CA LEU B 77 -9.25 10.84 -7.76
C LEU B 77 -8.79 12.02 -8.65
N CYS B 78 -9.75 12.83 -9.10
CA CYS B 78 -9.48 13.99 -9.95
C CYS B 78 -8.82 15.15 -9.22
N TYR B 79 -8.98 15.20 -7.90
CA TYR B 79 -8.42 16.28 -7.09
C TYR B 79 -6.90 16.29 -6.99
N SER B 80 -6.24 15.14 -7.20
CA SER B 80 -4.77 15.05 -6.96
C SER B 80 -3.99 16.14 -7.70
N ASP B 81 -3.08 16.81 -6.99
CA ASP B 81 -2.15 17.80 -7.58
C ASP B 81 -2.86 18.97 -8.29
N SER B 82 -4.06 19.31 -7.83
CA SER B 82 -4.82 20.38 -8.45
C SER B 82 -4.38 21.71 -7.90
N ASP B 83 -4.53 22.73 -8.73
CA ASP B 83 -4.20 24.09 -8.34
C ASP B 83 -5.40 24.80 -7.69
N ALA B 84 -6.60 24.52 -8.19
CA ALA B 84 -7.83 25.01 -7.58
C ALA B 84 -9.01 24.13 -7.92
N VAL B 85 -10.05 24.19 -7.09
CA VAL B 85 -11.32 23.54 -7.37
C VAL B 85 -12.40 24.60 -7.63
N LEU B 86 -13.16 24.40 -8.71
CA LEU B 86 -14.32 25.23 -9.05
C LEU B 86 -15.56 24.52 -8.57
N LEU B 87 -16.02 24.95 -7.39
CA LEU B 87 -17.27 24.50 -6.84
C LEU B 87 -18.36 25.28 -7.54
N CYS B 88 -19.12 24.56 -8.38
CA CYS B 88 -20.14 25.15 -9.24
C CYS B 88 -21.54 24.93 -8.71
N PHE B 89 -22.40 25.92 -8.95
CA PHE B 89 -23.83 25.76 -8.73
C PHE B 89 -24.67 26.47 -9.81
N ASP B 90 -25.94 26.11 -9.84
CA ASP B 90 -26.93 26.61 -10.75
C ASP B 90 -27.74 27.65 -9.99
N ILE B 91 -27.67 28.85 -10.52
CA ILE B 91 -28.27 30.04 -9.97
C ILE B 91 -29.79 30.00 -9.98
N SER B 92 -30.35 29.26 -10.93
CA SER B 92 -31.79 29.04 -10.99
C SER B 92 -32.25 27.97 -10.02
N ARG B 93 -31.35 27.40 -9.22
CA ARG B 93 -31.75 26.29 -8.34
C ARG B 93 -31.21 26.50 -6.96
N PRO B 94 -31.83 27.41 -6.18
CA PRO B 94 -31.39 27.60 -4.83
C PRO B 94 -31.45 26.31 -3.95
N GLU B 95 -31.48 25.12 -4.58
CA GLU B 95 -31.23 23.81 -3.90
C GLU B 95 -29.84 23.26 -4.23
N THR B 96 -29.30 23.67 -5.38
CA THR B 96 -27.90 23.49 -5.70
C THR B 96 -26.99 24.39 -4.86
N VAL B 97 -27.57 25.35 -4.14
CA VAL B 97 -26.85 26.15 -3.16
C VAL B 97 -26.77 25.41 -1.84
N ALA B 100 -26.41 22.09 -1.38
CA ALA B 100 -25.54 20.93 -1.60
C ALA B 100 -24.08 21.38 -1.56
N LEU B 101 -23.84 22.65 -1.88
CA LEU B 101 -22.52 23.25 -1.65
C LEU B 101 -21.91 22.94 -0.28
N LYS B 102 -22.76 22.62 0.72
CA LYS B 102 -22.39 21.92 1.98
C LYS B 102 -21.64 20.55 1.83
N LYS B 103 -22.25 19.58 1.12
CA LYS B 103 -21.55 18.33 0.68
C LYS B 103 -20.28 18.65 -0.10
N TRP B 104 -20.39 19.56 -1.05
CA TRP B 104 -19.30 19.80 -1.96
C TRP B 104 -18.10 20.35 -1.24
N ARG B 105 -18.29 21.36 -0.39
CA ARG B 105 -17.19 21.96 0.36
C ARG B 105 -16.52 20.99 1.34
N THR B 106 -17.33 20.13 1.98
CA THR B 106 -16.80 19.07 2.86
C THR B 106 -16.02 18.01 2.08
N GLU B 107 -16.53 17.63 0.91
CA GLU B 107 -15.75 16.76 0.01
C GLU B 107 -14.39 17.34 -0.38
N ILE B 108 -14.38 18.59 -0.83
CA ILE B 108 -13.13 19.26 -1.23
C ILE B 108 -12.15 19.31 -0.04
N LEU B 109 -12.67 19.52 1.16
CA LEU B 109 -11.85 19.66 2.34
C LEU B 109 -11.27 18.30 2.77
N ASP B 110 -12.10 17.27 2.75
CA ASP B 110 -11.67 15.91 3.09
C ASP B 110 -10.59 15.35 2.14
N TYR B 111 -10.74 15.60 0.83
CA TYR B 111 -9.80 15.04 -0.16
C TYR B 111 -8.63 15.94 -0.57
N CYS B 112 -8.78 17.23 -0.35
CA CYS B 112 -8.09 18.23 -1.14
C CYS B 112 -7.86 19.52 -0.31
N PRO B 113 -7.32 19.37 0.92
CA PRO B 113 -7.29 20.47 1.88
C PRO B 113 -6.24 21.56 1.60
N SER B 114 -5.27 21.26 0.74
CA SER B 114 -4.22 22.23 0.37
C SER B 114 -4.69 23.17 -0.74
N THR B 115 -5.71 22.75 -1.49
CA THR B 115 -6.13 23.45 -2.71
C THR B 115 -7.16 24.55 -2.42
N ARG B 116 -7.05 25.65 -3.16
CA ARG B 116 -8.02 26.73 -3.01
C ARG B 116 -9.32 26.46 -3.76
N VAL B 117 -10.35 27.20 -3.35
CA VAL B 117 -11.70 26.98 -3.79
C VAL B 117 -12.29 28.29 -4.33
N LEU B 118 -12.82 28.22 -5.55
CA LEU B 118 -13.54 29.29 -6.21
C LEU B 118 -15.00 28.89 -6.32
N LEU B 119 -15.91 29.80 -6.02
CA LEU B 119 -17.34 29.51 -6.14
C LEU B 119 -17.81 30.05 -7.49
N ILE B 120 -18.39 29.19 -8.33
CA ILE B 120 -18.83 29.56 -9.69
C ILE B 120 -20.35 29.42 -9.87
N GLY B 121 -21.04 30.52 -10.12
CA GLY B 121 -22.45 30.50 -10.44
C GLY B 121 -22.68 30.37 -11.92
N CYS B 122 -23.60 29.49 -12.29
CA CYS B 122 -23.86 29.15 -13.70
C CYS B 122 -25.31 29.43 -14.04
N LYS B 123 -25.56 29.59 -15.35
CA LYS B 123 -26.86 29.91 -15.93
C LYS B 123 -27.41 31.29 -15.50
N THR B 124 -26.57 32.34 -15.49
CA THR B 124 -26.99 33.68 -15.00
C THR B 124 -28.04 34.33 -15.91
N ASP B 125 -28.09 33.88 -17.16
CA ASP B 125 -29.15 34.24 -18.10
C ASP B 125 -30.55 33.92 -17.57
N LEU B 126 -30.66 32.93 -16.66
CA LEU B 126 -31.97 32.49 -16.15
C LEU B 126 -32.59 33.44 -15.12
N ARG B 127 -31.84 34.47 -14.71
CA ARG B 127 -32.41 35.54 -13.87
C ARG B 127 -33.50 36.33 -14.56
N THR B 128 -33.46 36.40 -15.89
CA THR B 128 -34.49 37.08 -16.66
C THR B 128 -35.30 36.11 -17.54
N ASP B 129 -35.26 34.81 -17.21
CA ASP B 129 -36.09 33.83 -17.91
C ASP B 129 -37.41 33.72 -17.14
N LEU B 130 -38.52 34.12 -17.78
CA LEU B 130 -39.81 34.25 -17.10
C LEU B 130 -40.31 32.95 -16.49
N SER B 131 -40.17 31.87 -17.24
CA SER B 131 -40.64 30.56 -16.83
C SER B 131 -39.86 30.03 -15.59
N THR B 132 -38.55 30.29 -15.55
CA THR B 132 -37.72 30.02 -14.37
C THR B 132 -38.21 30.84 -13.19
N LEU B 133 -38.43 32.14 -13.40
CA LEU B 133 -38.91 33.06 -12.34
C LEU B 133 -40.31 32.73 -11.82
N MET B 134 -41.18 32.30 -12.73
CA MET B 134 -42.53 31.84 -12.37
C MET B 134 -42.53 30.56 -11.55
N GLU B 135 -41.71 29.59 -11.95
CA GLU B 135 -41.59 28.32 -11.21
C GLU B 135 -40.94 28.52 -9.83
N LEU B 136 -39.89 29.34 -9.78
CA LEU B 136 -39.24 29.69 -8.52
C LEU B 136 -40.21 30.37 -7.57
N SER B 137 -40.95 31.36 -8.07
CA SER B 137 -41.88 32.15 -7.24
C SER B 137 -43.04 31.32 -6.68
N HIS B 138 -43.39 30.21 -7.33
CA HIS B 138 -44.42 29.29 -6.81
C HIS B 138 -43.90 28.51 -5.58
N GLN B 139 -42.58 28.40 -5.45
CA GLN B 139 -41.92 27.82 -4.28
C GLN B 139 -41.43 28.95 -3.34
N LYS B 140 -42.04 30.14 -3.43
CA LYS B 140 -41.54 31.35 -2.78
C LYS B 140 -40.00 31.54 -2.84
N GLN B 141 -39.39 31.21 -3.98
CA GLN B 141 -37.93 31.36 -4.19
C GLN B 141 -37.59 32.33 -5.29
N ALA B 142 -36.32 32.71 -5.34
CA ALA B 142 -35.80 33.55 -6.41
C ALA B 142 -34.38 33.06 -6.78
N PRO B 143 -33.92 33.30 -8.03
CA PRO B 143 -32.59 32.89 -8.39
C PRO B 143 -31.50 33.54 -7.52
N ILE B 144 -30.41 32.83 -7.30
CA ILE B 144 -29.30 33.39 -6.54
C ILE B 144 -28.80 34.62 -7.27
N SER B 145 -28.55 35.71 -6.54
CA SER B 145 -28.04 36.94 -7.11
C SER B 145 -26.54 36.97 -6.99
N TYR B 146 -25.94 37.98 -7.60
CA TYR B 146 -24.49 38.13 -7.57
C TYR B 146 -23.97 38.33 -6.16
N GLU B 147 -24.58 39.22 -5.42
CA GLU B 147 -24.10 39.51 -4.08
C GLU B 147 -24.38 38.34 -3.10
N GLN B 148 -25.49 37.65 -3.27
CA GLN B 148 -25.70 36.38 -2.57
C GLN B 148 -24.59 35.36 -2.89
N GLY B 149 -24.10 35.36 -4.12
CA GLY B 149 -23.02 34.49 -4.50
C GLY B 149 -21.72 34.87 -3.82
N CYS B 150 -21.49 36.18 -3.64
CA CYS B 150 -20.30 36.66 -2.91
C CYS B 150 -20.35 36.25 -1.44
N ALA B 151 -21.54 36.31 -0.85
CA ALA B 151 -21.77 35.95 0.56
C ALA B 151 -21.59 34.46 0.81
N ILE B 152 -22.17 33.64 -0.09
CA ILE B 152 -22.04 32.18 -0.04
C ILE B 152 -20.58 31.78 -0.18
N ALA B 153 -19.86 32.39 -1.13
CA ALA B 153 -18.42 32.17 -1.26
C ALA B 153 -17.73 32.35 0.10
N LYS B 154 -17.89 33.51 0.72
CA LYS B 154 -17.33 33.80 2.06
C LYS B 154 -17.69 32.73 3.13
N GLN B 155 -18.97 32.39 3.19
CA GLN B 155 -19.50 31.41 4.14
C GLN B 155 -19.02 29.95 3.89
N LEU B 156 -18.67 29.63 2.64
CA LEU B 156 -18.03 28.34 2.28
C LEU B 156 -16.51 28.42 2.23
N GLY B 157 -15.94 29.58 2.56
CA GLY B 157 -14.50 29.75 2.58
C GLY B 157 -13.87 29.52 1.22
N ALA B 158 -14.48 30.14 0.20
CA ALA B 158 -13.91 30.18 -1.15
C ALA B 158 -13.22 31.55 -1.35
N GLU B 159 -12.11 31.54 -2.10
CA GLU B 159 -11.37 32.77 -2.41
C GLU B 159 -12.24 33.89 -2.95
N ILE B 160 -12.99 33.55 -4.00
CA ILE B 160 -13.70 34.53 -4.81
C ILE B 160 -14.98 33.87 -5.34
N TYR B 161 -15.98 34.68 -5.64
CA TYR B 161 -17.15 34.29 -6.40
C TYR B 161 -17.05 34.82 -7.82
N LEU B 162 -17.32 33.96 -8.81
CA LEU B 162 -17.42 34.36 -10.19
C LEU B 162 -18.63 33.71 -10.83
N GLU B 163 -19.21 34.37 -11.82
CA GLU B 163 -20.39 33.85 -12.47
C GLU B 163 -20.44 34.20 -13.94
N GLY B 164 -21.18 33.38 -14.69
CA GLY B 164 -21.42 33.65 -16.09
C GLY B 164 -22.60 32.89 -16.62
N SER B 165 -22.76 32.93 -17.92
CA SER B 165 -23.81 32.18 -18.61
C SER B 165 -23.18 31.56 -19.82
N ALA B 166 -23.08 30.23 -19.85
CA ALA B 166 -22.49 29.52 -21.00
C ALA B 166 -23.37 29.64 -22.29
N PHE B 167 -24.66 29.90 -22.11
CA PHE B 167 -25.64 29.97 -23.20
C PHE B 167 -25.66 31.32 -23.85
N THR B 168 -25.64 32.39 -23.06
CA THR B 168 -25.75 33.73 -23.62
C THR B 168 -24.43 34.55 -23.62
N SER B 169 -23.41 34.11 -22.90
CA SER B 169 -22.14 34.87 -22.87
C SER B 169 -20.88 33.97 -22.71
N GLU B 170 -20.41 33.49 -23.85
CA GLU B 170 -19.07 32.97 -24.02
C GLU B 170 -18.01 33.88 -23.40
N LYS B 171 -18.16 35.18 -23.58
CA LYS B 171 -17.25 36.19 -23.01
C LYS B 171 -17.09 36.08 -21.50
N SER B 172 -18.21 35.74 -20.80
CA SER B 172 -18.25 35.63 -19.35
C SER B 172 -17.53 34.38 -18.90
N ILE B 173 -17.72 33.30 -19.64
CA ILE B 173 -17.04 32.03 -19.35
C ILE B 173 -15.51 32.18 -19.51
N HIS B 174 -15.07 32.84 -20.57
CA HIS B 174 -13.65 33.15 -20.74
C HIS B 174 -13.12 34.01 -19.57
N SER B 175 -13.99 34.88 -19.08
CA SER B 175 -13.69 35.77 -17.98
C SER B 175 -13.50 35.02 -16.66
N ILE B 176 -14.37 34.04 -16.41
CA ILE B 176 -14.24 33.19 -15.25
C ILE B 176 -12.86 32.52 -15.23
N PHE B 177 -12.47 31.93 -16.34
CA PHE B 177 -11.23 31.14 -16.40
C PHE B 177 -9.96 31.96 -16.44
N ARG B 178 -10.04 33.17 -17.00
CA ARG B 178 -8.89 34.10 -17.00
C ARG B 178 -8.61 34.57 -15.56
N THR B 179 -9.66 34.72 -14.75
CA THR B 179 -9.51 35.06 -13.35
C THR B 179 -9.02 33.84 -12.54
N ALA B 180 -9.56 32.66 -12.80
CA ALA B 180 -9.03 31.40 -12.24
C ALA B 180 -7.55 31.20 -12.57
N SER B 181 -7.17 31.46 -13.82
CA SER B 181 -5.75 31.39 -14.25
C SER B 181 -4.85 32.31 -13.43
N MET B 182 -5.29 33.56 -13.26
CA MET B 182 -4.51 34.56 -12.55
C MET B 182 -4.33 34.16 -11.10
N LEU B 183 -5.36 33.53 -10.54
CA LEU B 183 -5.36 33.13 -9.13
C LEU B 183 -4.42 31.96 -8.87
N CYS B 184 -4.44 30.93 -9.73
CA CYS B 184 -3.51 29.79 -9.57
CA CYS B 184 -3.52 29.80 -9.54
C CYS B 184 -2.05 30.15 -9.88
N LEU B 185 -1.83 31.33 -10.48
CA LEU B 185 -0.46 31.84 -10.76
C LEU B 185 -0.25 33.22 -10.14
N TYR C 5 -6.90 -3.25 24.94
CA TYR C 5 -5.88 -2.29 24.44
C TYR C 5 -5.11 -1.59 25.58
N ARG C 6 -3.88 -1.11 25.31
CA ARG C 6 -2.98 -0.65 26.41
C ARG C 6 -1.76 0.25 26.02
N PRO C 7 -1.38 1.22 26.88
CA PRO C 7 -0.23 2.12 26.64
C PRO C 7 1.19 1.52 26.69
N LEU C 8 2.07 2.07 25.87
CA LEU C 8 3.48 1.68 25.77
C LEU C 8 4.27 2.95 25.64
N THR C 9 5.56 2.90 25.94
CA THR C 9 6.46 4.00 25.62
C THR C 9 7.52 3.43 24.68
N LEU C 10 7.77 4.07 23.55
CA LEU C 10 8.81 3.62 22.67
C LEU C 10 10.00 4.57 22.79
N ASN C 11 11.18 4.07 22.43
CA ASN C 11 12.35 4.91 22.26
C ASN C 11 12.42 5.33 20.77
N ALA C 12 11.93 6.52 20.47
CA ALA C 12 11.82 6.90 19.08
C ALA C 12 13.08 7.62 18.60
N LEU C 13 13.56 7.23 17.42
CA LEU C 13 14.78 7.76 16.75
C LEU C 13 14.56 8.11 15.30
N LEU C 14 15.26 9.13 14.81
CA LEU C 14 15.47 9.29 13.36
C LEU C 14 16.72 8.50 13.00
N ALA C 15 16.72 7.88 11.83
CA ALA C 15 17.86 7.11 11.35
C ALA C 15 18.06 7.40 9.88
N VAL C 16 19.33 7.36 9.45
CA VAL C 16 19.71 7.62 8.05
C VAL C 16 19.14 6.57 7.08
N GLY C 17 18.99 5.33 7.56
CA GLY C 17 18.39 4.27 6.75
C GLY C 17 18.11 3.08 7.61
N PRO C 18 17.52 2.02 7.02
CA PRO C 18 17.22 0.75 7.66
C PRO C 18 18.49 0.06 8.13
N GLY C 19 18.52 -0.39 9.37
CA GLY C 19 19.72 -1.05 9.83
C GLY C 19 19.68 -1.58 11.23
N ALA C 20 20.80 -2.17 11.62
CA ALA C 20 20.92 -2.85 12.88
C ALA C 20 21.24 -1.83 13.97
N GLY C 21 20.58 -1.95 15.11
CA GLY C 21 21.02 -1.32 16.33
C GLY C 21 20.06 -0.28 16.90
N GLU C 22 20.49 0.36 17.96
CA GLU C 22 19.68 1.36 18.59
C GLU C 22 20.54 2.36 19.28
N ALA C 23 19.91 3.43 19.72
CA ALA C 23 20.66 4.54 20.30
C ALA C 23 19.65 5.30 21.09
N GLN C 24 20.11 6.29 21.84
CA GLN C 24 19.23 7.16 22.63
C GLN C 24 18.32 7.99 21.74
N GLY C 25 17.01 7.70 21.85
CA GLY C 25 15.97 8.49 21.21
C GLY C 25 15.14 9.28 22.20
N VAL C 26 13.92 9.61 21.80
CA VAL C 26 12.98 10.32 22.71
C VAL C 26 11.89 9.33 23.16
N PRO C 27 11.53 9.33 24.46
CA PRO C 27 10.40 8.49 24.88
C PRO C 27 9.04 8.98 24.33
N VAL C 28 8.33 8.11 23.63
CA VAL C 28 7.09 8.51 22.98
C VAL C 28 5.95 7.58 23.48
N LYS C 29 4.94 8.17 24.11
CA LYS C 29 3.79 7.41 24.64
C LYS C 29 2.79 7.19 23.54
N VAL C 30 2.50 5.92 23.28
CA VAL C 30 1.61 5.49 22.19
C VAL C 30 0.70 4.42 22.79
N LEU C 31 -0.29 3.95 22.04
CA LEU C 31 -1.17 2.86 22.50
C LEU C 31 -0.91 1.65 21.63
N ASP C 32 -1.26 0.46 22.11
CA ASP C 32 -0.91 -0.71 21.29
C ASP C 32 -1.98 -1.00 20.18
N CYS C 33 -3.10 -0.28 20.25
CA CYS C 33 -4.10 -0.31 19.19
C CYS C 33 -3.86 0.81 18.16
N ASP C 34 -2.77 1.58 18.32
CA ASP C 34 -2.38 2.54 17.31
C ASP C 34 -1.90 1.79 16.07
N THR C 35 -2.33 2.26 14.89
CA THR C 35 -1.83 1.76 13.64
C THR C 35 -0.43 2.27 13.49
N ILE C 36 0.32 1.70 12.59
CA ILE C 36 1.69 2.12 12.40
C ILE C 36 1.76 3.60 11.99
N SER C 37 0.88 4.05 11.09
CA SER C 37 0.75 5.48 10.79
C SER C 37 0.46 6.33 12.02
N GLN C 38 -0.48 5.90 12.86
CA GLN C 38 -0.81 6.69 14.07
C GLN C 38 0.38 6.78 15.01
N ALA C 39 1.06 5.64 15.21
CA ALA C 39 2.27 5.60 16.04
C ALA C 39 3.39 6.47 15.49
N LYS C 40 3.64 6.38 14.18
CA LYS C 40 4.64 7.24 13.50
C LYS C 40 4.40 8.72 13.71
N GLU C 41 3.14 9.13 13.61
CA GLU C 41 2.80 10.53 13.72
C GLU C 41 2.95 11.02 15.15
N LYS C 42 2.59 10.18 16.13
CA LYS C 42 2.87 10.49 17.55
C LYS C 42 4.39 10.64 17.82
N MET C 43 5.21 9.86 17.10
CA MET C 43 6.67 9.86 17.23
C MET C 43 7.23 11.18 16.71
N LEU C 44 6.87 11.52 15.47
CA LEU C 44 7.23 12.79 14.85
C LEU C 44 6.83 14.03 15.67
N ASP C 45 5.65 13.99 16.31
CA ASP C 45 5.22 15.10 17.17
C ASP C 45 6.18 15.31 18.34
N GLN C 46 6.78 14.24 18.88
CA GLN C 46 7.80 14.38 19.93
C GLN C 46 9.18 14.76 19.35
N LEU C 47 9.59 14.03 18.30
CA LEU C 47 10.88 14.21 17.68
C LEU C 47 11.02 15.65 17.19
N TYR C 48 9.91 16.22 16.73
CA TYR C 48 9.85 17.59 16.19
C TYR C 48 9.05 18.63 17.02
N LYS C 49 8.86 18.43 18.32
CA LYS C 49 8.14 19.46 19.08
C LYS C 49 8.98 20.74 19.12
N GLY C 50 8.32 21.89 18.93
CA GLY C 50 9.04 23.17 18.82
C GLY C 50 9.39 23.59 17.40
N VAL C 51 9.70 22.62 16.54
CA VAL C 51 10.02 22.88 15.11
C VAL C 51 8.78 23.33 14.34
N PRO C 52 8.85 24.45 13.59
CA PRO C 52 7.72 24.80 12.71
C PRO C 52 7.38 23.73 11.65
N LEU C 53 6.11 23.67 11.27
CA LEU C 53 5.58 22.57 10.44
C LEU C 53 6.06 22.59 8.97
N THR C 54 6.51 23.73 8.49
CA THR C 54 7.12 23.80 7.16
C THR C 54 8.54 23.20 7.16
N GLN C 55 9.13 23.03 8.35
CA GLN C 55 10.46 22.43 8.49
C GLN C 55 10.40 20.93 8.85
N ARG C 56 9.21 20.42 9.15
CA ARG C 56 9.02 18.99 9.42
C ARG C 56 8.85 18.20 8.13
N PRO C 57 9.23 16.91 8.15
CA PRO C 57 9.05 16.10 6.98
C PRO C 57 7.64 15.53 6.86
N ASP C 58 7.21 15.33 5.61
CA ASP C 58 5.99 14.62 5.30
C ASP C 58 6.08 13.20 5.90
N PRO C 59 5.18 12.85 6.83
CA PRO C 59 5.24 11.51 7.44
C PRO C 59 5.13 10.34 6.43
N ARG C 60 4.52 10.60 5.27
CA ARG C 60 4.41 9.58 4.21
C ARG C 60 5.75 9.26 3.52
N THR C 61 6.78 10.10 3.74
CA THR C 61 8.12 9.88 3.18
C THR C 61 9.04 9.16 4.17
N LEU C 62 8.46 8.51 5.17
CA LEU C 62 9.23 7.85 6.21
C LEU C 62 8.61 6.50 6.54
N ASP C 63 9.48 5.53 6.81
CA ASP C 63 9.08 4.21 7.24
C ASP C 63 9.35 4.04 8.73
N VAL C 64 8.63 3.12 9.33
CA VAL C 64 8.81 2.77 10.72
C VAL C 64 9.56 1.46 10.80
N GLU C 65 10.69 1.45 11.53
CA GLU C 65 11.47 0.24 11.75
C GLU C 65 11.64 -0.12 13.24
N TRP C 66 11.07 -1.27 13.63
CA TRP C 66 11.22 -1.87 14.95
C TRP C 66 12.65 -2.42 15.08
N ARG C 67 13.44 -1.84 15.98
CA ARG C 67 14.76 -2.38 16.33
C ARG C 67 14.62 -3.27 17.58
N SER C 68 14.96 -4.56 17.46
CA SER C 68 14.91 -5.52 18.58
C SER C 68 16.19 -6.32 18.75
N GLY C 69 16.51 -6.65 20.01
CA GLY C 69 17.72 -7.38 20.37
C GLY C 69 18.93 -6.47 20.16
N VAL C 70 20.02 -7.05 19.67
CA VAL C 70 21.25 -6.32 19.33
C VAL C 70 21.22 -5.78 17.89
N ALA C 71 20.67 -6.54 16.93
CA ALA C 71 20.82 -6.19 15.49
C ALA C 71 19.59 -6.54 14.65
N GLY C 72 18.47 -6.83 15.30
CA GLY C 72 17.23 -7.13 14.62
C GLY C 72 16.54 -5.84 14.16
N HIS C 73 16.02 -5.83 12.94
CA HIS C 73 15.45 -4.62 12.37
C HIS C 73 14.44 -5.01 11.30
N LEU C 74 13.18 -4.59 11.47
CA LEU C 74 12.09 -4.91 10.52
C LEU C 74 11.18 -3.71 10.27
N ILE C 75 10.79 -3.52 9.02
CA ILE C 75 9.86 -2.47 8.63
C ILE C 75 8.41 -2.92 8.95
N LEU C 76 7.73 -2.13 9.77
CA LEU C 76 6.31 -2.30 10.02
C LEU C 76 5.54 -1.32 9.12
N SER C 77 4.35 -1.73 8.68
CA SER C 77 3.50 -0.89 7.87
C SER C 77 2.04 -1.16 8.21
N ASP C 78 1.18 -0.24 7.85
CA ASP C 78 -0.27 -0.39 8.07
C ASP C 78 -0.82 -1.62 7.39
N GLU C 79 -0.33 -1.89 6.18
CA GLU C 79 -0.73 -3.05 5.41
C GLU C 79 0.45 -3.75 4.72
N ASP C 80 0.62 -5.03 5.01
CA ASP C 80 1.63 -5.82 4.38
C ASP C 80 1.16 -7.26 4.32
N VAL C 81 2.06 -8.17 3.99
CA VAL C 81 1.68 -9.57 3.79
C VAL C 81 1.10 -10.28 5.04
N THR C 82 1.28 -9.69 6.23
CA THR C 82 0.82 -10.26 7.47
C THR C 82 -0.54 -9.73 7.94
N SER C 83 -1.12 -8.77 7.22
CA SER C 83 -2.38 -8.16 7.66
C SER C 83 -3.54 -9.17 7.59
N GLU C 84 -4.49 -9.08 8.54
CA GLU C 84 -5.68 -9.93 8.54
C GLU C 84 -6.63 -9.53 7.43
N VAL C 85 -7.06 -10.54 6.72
CA VAL C 85 -7.91 -10.38 5.61
C VAL C 85 -9.18 -11.16 5.92
N GLN C 86 -10.30 -10.63 5.44
CA GLN C 86 -11.60 -11.26 5.59
C GLN C 86 -12.48 -10.78 4.46
N GLY C 87 -12.69 -11.65 3.49
CA GLY C 87 -13.50 -11.29 2.32
C GLY C 87 -12.71 -10.29 1.51
N LEU C 88 -13.32 -9.13 1.26
CA LEU C 88 -12.62 -8.01 0.60
C LEU C 88 -11.96 -7.06 1.59
N TRP C 89 -12.18 -7.26 2.88
CA TRP C 89 -11.69 -6.35 3.89
C TRP C 89 -10.32 -6.77 4.45
N ARG C 90 -9.54 -5.77 4.82
CA ARG C 90 -8.22 -5.97 5.37
C ARG C 90 -7.99 -5.07 6.60
N ARG C 91 -7.48 -5.67 7.68
CA ARG C 91 -7.26 -4.95 8.94
C ARG C 91 -5.94 -4.20 8.92
N LEU C 92 -5.98 -2.91 9.22
CA LEU C 92 -4.77 -2.11 9.40
C LEU C 92 -3.94 -2.67 10.54
N ASN C 93 -2.64 -2.73 10.35
CA ASN C 93 -1.71 -3.32 11.33
C ASN C 93 -1.45 -2.33 12.42
N THR C 94 -1.51 -2.82 13.67
CA THR C 94 -1.33 -2.07 14.88
C THR C 94 -0.05 -2.55 15.58
N LEU C 95 0.41 -1.77 16.55
CA LEU C 95 1.54 -2.19 17.38
C LEU C 95 1.20 -3.54 18.00
N GLN C 96 -0.04 -3.72 18.41
CA GLN C 96 -0.46 -4.99 18.99
C GLN C 96 -0.41 -6.18 18.02
N HIS C 97 -0.83 -5.98 16.77
CA HIS C 97 -0.70 -6.97 15.69
C HIS C 97 0.68 -7.57 15.69
N TYR C 98 1.70 -6.72 15.76
CA TYR C 98 3.06 -7.16 15.66
C TYR C 98 3.64 -7.62 16.98
N LYS C 99 3.06 -7.14 18.09
CA LYS C 99 3.52 -7.45 19.47
C LYS C 99 4.74 -6.60 19.86
N VAL C 100 4.75 -5.35 19.43
CA VAL C 100 5.79 -4.42 19.79
C VAL C 100 5.65 -4.11 21.26
N PRO C 101 6.69 -4.37 22.07
CA PRO C 101 6.57 -4.14 23.54
C PRO C 101 6.97 -2.78 24.04
N ASP C 102 6.53 -2.49 25.25
CA ASP C 102 6.93 -1.34 25.99
C ASP C 102 8.47 -1.20 26.01
N GLY C 103 8.97 0.00 25.78
CA GLY C 103 10.43 0.26 25.75
C GLY C 103 11.16 -0.14 24.49
N ALA C 104 10.42 -0.64 23.48
CA ALA C 104 11.05 -1.02 22.20
C ALA C 104 11.56 0.25 21.51
N THR C 105 12.72 0.14 20.84
CA THR C 105 13.20 1.19 19.96
C THR C 105 12.53 1.08 18.59
N VAL C 106 11.93 2.17 18.16
CA VAL C 106 11.35 2.26 16.81
C VAL C 106 12.06 3.43 16.12
N ALA C 107 12.68 3.16 14.96
CA ALA C 107 13.34 4.21 14.12
C ALA C 107 12.40 4.65 12.97
N LEU C 108 12.46 5.94 12.65
CA LEU C 108 11.89 6.49 11.42
C LEU C 108 12.99 6.70 10.38
N VAL C 109 12.83 6.07 9.21
CA VAL C 109 13.86 5.99 8.19
C VAL C 109 13.34 6.60 6.86
N PRO C 110 14.24 7.19 6.03
CA PRO C 110 13.81 7.60 4.68
C PRO C 110 13.11 6.45 3.91
N CYS C 111 11.85 6.65 3.53
CA CYS C 111 11.08 5.74 2.65
C CYS C 111 11.94 5.15 1.49
N PRO D 4 31.55 -18.13 -14.21
CA PRO D 4 32.22 -16.99 -13.58
C PRO D 4 31.23 -16.12 -12.80
N GLN D 5 31.56 -15.85 -11.54
CA GLN D 5 30.67 -15.13 -10.65
C GLN D 5 31.46 -14.33 -9.62
N PRO D 6 30.78 -13.42 -8.88
CA PRO D 6 31.32 -12.75 -7.68
C PRO D 6 32.01 -13.70 -6.71
N VAL D 7 33.30 -13.46 -6.46
CA VAL D 7 34.11 -14.35 -5.63
C VAL D 7 33.71 -14.26 -4.16
N VAL D 8 33.36 -13.06 -3.71
CA VAL D 8 32.75 -12.86 -2.39
C VAL D 8 31.23 -12.63 -2.60
N ALA D 9 30.40 -13.41 -1.93
CA ALA D 9 28.95 -13.34 -2.14
C ALA D 9 28.14 -13.19 -0.83
N ARG D 10 26.92 -12.64 -0.95
CA ARG D 10 26.03 -12.40 0.19
C ARG D 10 24.81 -13.35 0.14
N CYS D 11 24.52 -13.98 1.26
CA CYS D 11 23.38 -14.89 1.37
CA CYS D 11 23.39 -14.90 1.39
C CYS D 11 22.58 -14.55 2.63
N LYS D 12 21.27 -14.39 2.46
CA LYS D 12 20.37 -14.17 3.57
C LYS D 12 19.68 -15.50 3.92
N LEU D 13 19.89 -15.99 5.14
CA LEU D 13 19.23 -17.20 5.60
C LEU D 13 18.31 -16.83 6.76
N VAL D 14 17.14 -17.52 6.84
CA VAL D 14 16.17 -17.38 7.91
C VAL D 14 15.93 -18.74 8.57
N LEU D 15 16.06 -18.78 9.87
CA LEU D 15 15.93 -19.96 10.63
C LEU D 15 14.55 -19.90 11.28
N VAL D 16 13.77 -20.96 11.06
CA VAL D 16 12.41 -21.12 11.67
C VAL D 16 12.24 -22.52 12.21
N GLY D 17 11.27 -22.69 13.10
CA GLY D 17 10.95 -24.00 13.70
C GLY D 17 10.45 -23.78 15.12
N ASP D 18 9.98 -24.86 15.76
CA ASP D 18 9.31 -24.81 17.08
C ASP D 18 10.16 -24.20 18.16
N VAL D 19 9.48 -23.70 19.22
CA VAL D 19 10.19 -23.09 20.35
C VAL D 19 11.08 -24.19 20.99
N GLN D 20 12.21 -23.78 21.52
CA GLN D 20 13.18 -24.64 22.14
C GLN D 20 13.77 -25.76 21.29
N CYS D 21 13.66 -25.66 19.96
CA CYS D 21 14.20 -26.69 19.05
C CYS D 21 15.72 -26.57 18.86
N GLY D 22 16.28 -25.37 19.07
CA GLY D 22 17.76 -25.21 19.01
C GLY D 22 18.33 -24.20 18.01
N LYS D 23 17.47 -23.34 17.48
CA LYS D 23 17.82 -22.33 16.47
C LYS D 23 18.88 -21.33 16.94
N THR D 24 18.61 -20.66 18.05
CA THR D 24 19.56 -19.71 18.65
C THR D 24 20.83 -20.34 19.10
N ALA D 25 20.75 -21.50 19.73
CA ALA D 25 21.97 -22.26 20.11
C ALA D 25 22.94 -22.49 18.95
N MET D 26 22.42 -22.82 17.76
CA MET D 26 23.25 -22.93 16.54
C MET D 26 23.91 -21.61 16.09
N LEU D 27 23.16 -20.52 16.10
CA LEU D 27 23.69 -19.21 15.62
C LEU D 27 24.71 -18.67 16.56
N GLN D 28 24.44 -18.83 17.85
CA GLN D 28 25.39 -18.40 18.88
C GLN D 28 26.67 -19.18 18.81
N VAL D 29 26.58 -20.49 18.65
CA VAL D 29 27.79 -21.32 18.42
C VAL D 29 28.48 -20.91 17.11
N LEU D 30 27.69 -20.69 16.07
CA LEU D 30 28.26 -20.39 14.77
C LEU D 30 28.94 -19.03 14.76
N ALA D 31 28.27 -18.01 15.29
CA ALA D 31 28.69 -16.61 15.14
C ALA D 31 29.35 -16.02 16.37
N LYS D 32 29.07 -16.56 17.55
CA LYS D 32 29.49 -15.93 18.81
C LYS D 32 30.37 -16.82 19.66
N ASP D 33 30.72 -17.99 19.15
CA ASP D 33 31.59 -18.92 19.85
C ASP D 33 31.04 -19.24 21.27
N CYS D 34 29.73 -19.42 21.37
CA CYS D 34 29.08 -19.53 22.67
C CYS D 34 27.76 -20.37 22.59
N TYR D 35 27.63 -21.29 23.54
CA TYR D 35 26.50 -22.15 23.66
C TYR D 35 25.59 -21.64 24.83
N PRO D 36 24.36 -21.23 24.49
CA PRO D 36 23.39 -20.77 25.50
C PRO D 36 22.62 -21.95 26.09
N GLU D 37 23.12 -22.44 27.21
CA GLU D 37 22.56 -23.62 27.86
C GLU D 37 21.19 -23.35 28.51
N THR D 38 20.91 -22.09 28.83
CA THR D 38 19.66 -21.66 29.43
C THR D 38 18.81 -21.03 28.33
N TYR D 39 17.56 -21.50 28.24
CA TYR D 39 16.59 -21.09 27.20
C TYR D 39 16.12 -19.67 27.48
N VAL D 40 16.36 -18.77 26.54
CA VAL D 40 15.85 -17.42 26.54
C VAL D 40 15.08 -17.30 25.20
N PRO D 41 13.72 -17.20 25.24
CA PRO D 41 12.92 -17.03 24.02
C PRO D 41 13.32 -15.84 23.11
N THR D 42 13.42 -16.12 21.81
CA THR D 42 13.71 -15.09 20.83
C THR D 42 12.45 -14.49 20.31
N VAL D 43 12.57 -13.24 19.87
CA VAL D 43 11.57 -12.54 19.08
C VAL D 43 12.17 -12.45 17.67
N PHE D 44 13.15 -11.58 17.44
CA PHE D 44 13.90 -11.63 16.20
C PHE D 44 15.29 -10.98 16.37
N GLU D 45 16.26 -11.57 15.69
CA GLU D 45 17.64 -11.19 15.85
C GLU D 45 18.34 -11.50 14.57
N ASN D 46 19.37 -10.71 14.27
CA ASN D 46 20.21 -10.88 13.14
C ASN D 46 21.69 -11.13 13.57
N TYR D 47 22.24 -12.24 13.09
CA TYR D 47 23.66 -12.56 13.18
C TYR D 47 24.32 -12.39 11.79
N THR D 48 25.59 -12.11 11.80
CA THR D 48 26.39 -12.17 10.60
C THR D 48 27.42 -13.26 10.80
N ALA D 49 27.84 -13.92 9.72
CA ALA D 49 28.95 -14.88 9.78
C ALA D 49 29.63 -14.99 8.39
N CYS D 50 30.92 -15.30 8.37
CA CYS D 50 31.65 -15.43 7.08
C CYS D 50 32.12 -16.87 6.92
N LEU D 51 31.69 -17.52 5.84
CA LEU D 51 32.07 -18.90 5.53
C LEU D 51 32.77 -19.01 4.18
N GLU D 52 33.65 -19.97 4.06
CA GLU D 52 34.32 -20.26 2.80
C GLU D 52 33.78 -21.59 2.28
N THR D 53 33.38 -21.62 1.01
CA THR D 53 33.04 -22.88 0.34
C THR D 53 34.27 -23.24 -0.48
N GLU D 54 34.13 -24.20 -1.39
CA GLU D 54 35.26 -24.73 -2.08
C GLU D 54 35.78 -23.75 -3.15
N GLU D 55 34.98 -22.74 -3.49
CA GLU D 55 35.37 -21.70 -4.43
C GLU D 55 34.94 -20.25 -4.03
N GLN D 56 34.24 -20.04 -2.91
CA GLN D 56 33.76 -18.68 -2.57
C GLN D 56 33.82 -18.36 -1.08
N ARG D 57 33.93 -17.07 -0.76
CA ARG D 57 33.74 -16.57 0.62
C ARG D 57 32.36 -15.93 0.67
N VAL D 58 31.48 -16.47 1.51
CA VAL D 58 30.09 -16.04 1.59
C VAL D 58 29.85 -15.31 2.90
N GLU D 59 29.48 -14.02 2.82
CA GLU D 59 28.99 -13.29 3.98
C GLU D 59 27.52 -13.67 4.23
N LEU D 60 27.27 -14.35 5.34
CA LEU D 60 25.93 -14.85 5.64
C LEU D 60 25.22 -13.89 6.57
N SER D 61 24.02 -13.45 6.18
CA SER D 61 23.15 -12.64 7.03
C SER D 61 22.04 -13.53 7.56
N LEU D 62 22.10 -13.83 8.85
CA LEU D 62 21.32 -14.88 9.47
C LEU D 62 20.23 -14.31 10.38
N TRP D 63 18.98 -14.70 10.13
CA TRP D 63 17.83 -14.17 10.82
C TRP D 63 17.24 -15.20 11.73
N ASP D 64 17.33 -14.91 13.02
CA ASP D 64 16.81 -15.76 14.07
C ASP D 64 15.41 -15.25 14.38
N THR D 65 14.48 -16.18 14.56
CA THR D 65 13.09 -15.88 14.75
C THR D 65 12.51 -16.75 15.85
N SER D 66 11.37 -16.27 16.39
CA SER D 66 10.55 -17.04 17.35
C SER D 66 9.73 -18.18 16.75
N GLY D 67 9.78 -19.34 17.39
CA GLY D 67 8.92 -20.44 17.02
C GLY D 67 7.51 -20.40 17.61
N SER D 68 7.15 -19.29 18.27
CA SER D 68 5.88 -19.20 19.00
C SER D 68 4.76 -18.70 18.09
N PRO D 69 3.53 -19.26 18.22
CA PRO D 69 2.40 -18.65 17.59
C PRO D 69 2.18 -17.17 17.93
N TYR D 70 2.62 -16.76 19.11
CA TYR D 70 2.45 -15.40 19.58
C TYR D 70 3.09 -14.40 18.58
N TYR D 71 4.17 -14.81 17.90
CA TYR D 71 4.89 -13.91 16.93
C TYR D 71 4.63 -14.24 15.46
N ASP D 72 3.49 -14.88 15.19
CA ASP D 72 3.11 -15.25 13.82
C ASP D 72 3.02 -14.00 12.89
N ASN D 73 2.71 -12.83 13.45
CA ASN D 73 2.52 -11.63 12.65
C ASN D 73 3.84 -10.92 12.34
N VAL D 74 4.89 -11.13 13.11
CA VAL D 74 6.17 -10.42 12.85
C VAL D 74 7.22 -11.33 12.17
N ARG D 75 7.18 -12.63 12.46
CA ARG D 75 8.18 -13.56 11.93
C ARG D 75 8.21 -13.63 10.38
N PRO D 76 7.03 -13.64 9.72
CA PRO D 76 6.98 -13.59 8.25
C PRO D 76 7.69 -12.38 7.60
N LEU D 77 7.83 -11.26 8.29
CA LEU D 77 8.57 -10.12 7.74
C LEU D 77 10.02 -10.46 7.49
N CYS D 78 10.56 -11.44 8.22
CA CYS D 78 11.92 -11.91 8.08
C CYS D 78 12.27 -12.61 6.77
N TYR D 79 11.25 -13.15 6.09
CA TYR D 79 11.45 -13.88 4.82
C TYR D 79 11.75 -13.02 3.62
N SER D 80 11.52 -11.69 3.70
CA SER D 80 11.66 -10.84 2.52
C SER D 80 13.07 -10.99 2.00
N ASP D 81 13.20 -11.34 0.73
CA ASP D 81 14.49 -11.34 0.01
C ASP D 81 15.53 -12.37 0.53
N SER D 82 15.05 -13.46 1.11
CA SER D 82 15.94 -14.49 1.62
C SER D 82 16.37 -15.40 0.51
N ASP D 83 17.50 -16.07 0.75
CA ASP D 83 18.08 -16.98 -0.19
C ASP D 83 17.76 -18.43 0.21
N ALA D 84 17.43 -18.67 1.48
CA ALA D 84 16.95 -19.99 1.90
C ALA D 84 16.33 -19.92 3.25
N VAL D 85 15.35 -20.77 3.51
CA VAL D 85 14.84 -20.95 4.88
C VAL D 85 15.38 -22.26 5.46
N LEU D 86 15.93 -22.18 6.68
CA LEU D 86 16.33 -23.37 7.44
C LEU D 86 15.17 -23.75 8.37
N LEU D 87 14.41 -24.76 7.94
CA LEU D 87 13.33 -25.33 8.76
C LEU D 87 13.98 -26.25 9.76
N CYS D 88 14.03 -25.81 11.03
CA CYS D 88 14.73 -26.51 12.06
C CYS D 88 13.73 -27.35 12.91
N PHE D 89 14.20 -28.52 13.35
CA PHE D 89 13.47 -29.31 14.34
C PHE D 89 14.46 -29.96 15.33
N ASP D 90 13.88 -30.52 16.40
CA ASP D 90 14.58 -31.14 17.51
C ASP D 90 14.39 -32.63 17.39
N ILE D 91 15.52 -33.31 17.20
CA ILE D 91 15.61 -34.78 17.05
C ILE D 91 14.97 -35.55 18.22
N SER D 92 15.01 -34.95 19.42
CA SER D 92 14.49 -35.59 20.62
C SER D 92 12.99 -35.41 20.79
N ARG D 93 12.35 -34.75 19.84
CA ARG D 93 10.94 -34.49 19.96
C ARG D 93 10.24 -34.77 18.65
N PRO D 94 9.98 -36.05 18.37
CA PRO D 94 9.17 -36.39 17.21
C PRO D 94 7.80 -35.67 17.14
N GLU D 95 7.65 -34.52 17.82
CA GLU D 95 6.50 -33.59 17.67
C GLU D 95 6.92 -32.29 16.93
N THR D 96 8.15 -31.86 17.18
CA THR D 96 8.78 -30.84 16.35
C THR D 96 8.84 -31.31 14.91
N VAL D 97 8.76 -32.62 14.71
CA VAL D 97 8.42 -33.21 13.43
C VAL D 97 6.91 -33.26 13.32
N ALA D 100 4.73 -30.67 13.24
CA ALA D 100 4.68 -29.22 13.21
C ALA D 100 5.32 -28.73 11.93
N LEU D 101 6.26 -29.51 11.39
CA LEU D 101 6.88 -29.20 10.10
C LEU D 101 5.86 -28.98 8.98
N LYS D 102 4.66 -29.58 9.13
CA LYS D 102 3.43 -29.21 8.40
C LYS D 102 3.09 -27.68 8.43
N LYS D 103 2.80 -27.16 9.63
CA LYS D 103 2.69 -25.71 9.85
C LYS D 103 3.86 -24.95 9.22
N TRP D 104 5.06 -25.37 9.53
CA TRP D 104 6.21 -24.58 9.16
C TRP D 104 6.38 -24.52 7.67
N ARG D 105 6.23 -25.67 7.00
CA ARG D 105 6.36 -25.72 5.55
C ARG D 105 5.26 -24.91 4.84
N THR D 106 4.02 -25.01 5.34
CA THR D 106 2.91 -24.26 4.84
C THR D 106 3.15 -22.75 5.00
N GLU D 107 3.62 -22.32 6.17
CA GLU D 107 3.99 -20.90 6.35
C GLU D 107 5.04 -20.43 5.37
N ILE D 108 6.10 -21.21 5.19
CA ILE D 108 7.18 -20.82 4.28
C ILE D 108 6.64 -20.70 2.82
N LEU D 109 5.79 -21.63 2.41
CA LEU D 109 5.23 -21.61 1.07
C LEU D 109 4.38 -20.37 0.82
N ASP D 110 3.53 -20.03 1.81
CA ASP D 110 2.61 -18.88 1.70
C ASP D 110 3.35 -17.55 1.60
N TYR D 111 4.38 -17.36 2.42
CA TYR D 111 5.10 -16.08 2.46
C TYR D 111 6.32 -16.02 1.54
N CYS D 112 6.84 -17.19 1.20
CA CYS D 112 8.20 -17.30 0.72
C CYS D 112 8.34 -18.40 -0.34
N PRO D 113 7.40 -18.45 -1.33
CA PRO D 113 7.24 -19.57 -2.27
C PRO D 113 8.38 -19.83 -3.28
N SER D 114 9.22 -18.84 -3.56
CA SER D 114 10.31 -19.02 -4.54
C SER D 114 11.66 -19.26 -3.85
N THR D 115 11.62 -19.48 -2.54
CA THR D 115 12.81 -19.65 -1.74
C THR D 115 13.05 -21.13 -1.40
N ARG D 116 14.33 -21.50 -1.45
CA ARG D 116 14.79 -22.86 -1.18
C ARG D 116 14.64 -23.19 0.30
N VAL D 117 14.38 -24.46 0.59
CA VAL D 117 14.16 -24.92 1.96
C VAL D 117 15.12 -26.06 2.35
N LEU D 118 15.93 -25.83 3.38
CA LEU D 118 16.84 -26.83 3.94
C LEU D 118 16.27 -27.31 5.29
N LEU D 119 16.15 -28.63 5.47
CA LEU D 119 15.65 -29.18 6.72
C LEU D 119 16.84 -29.48 7.64
N ILE D 120 16.78 -28.99 8.88
CA ILE D 120 17.91 -29.03 9.80
C ILE D 120 17.53 -29.68 11.13
N GLY D 121 18.12 -30.83 11.44
CA GLY D 121 17.87 -31.52 12.70
C GLY D 121 18.83 -31.10 13.73
N CYS D 122 18.33 -30.86 14.95
CA CYS D 122 19.09 -30.22 16.02
C CYS D 122 19.15 -31.11 17.20
N LYS D 123 20.21 -30.94 18.02
CA LYS D 123 20.43 -31.72 19.24
C LYS D 123 20.71 -33.21 18.96
N THR D 124 21.61 -33.53 18.00
CA THR D 124 21.82 -34.93 17.60
C THR D 124 22.51 -35.71 18.70
N ASP D 125 23.26 -35.00 19.55
CA ASP D 125 23.83 -35.61 20.77
C ASP D 125 22.79 -36.36 21.64
N LEU D 126 21.52 -35.99 21.52
CA LEU D 126 20.50 -36.56 22.39
C LEU D 126 20.06 -37.99 21.98
N ARG D 127 20.51 -38.46 20.80
CA ARG D 127 20.28 -39.86 20.40
C ARG D 127 20.87 -40.84 21.37
N THR D 128 21.97 -40.43 22.01
CA THR D 128 22.68 -41.29 22.99
C THR D 128 22.54 -40.74 24.44
N ASP D 129 21.50 -39.96 24.69
CA ASP D 129 21.21 -39.43 26.03
C ASP D 129 20.17 -40.30 26.71
N LEU D 130 20.53 -40.94 27.83
CA LEU D 130 19.68 -41.99 28.44
C LEU D 130 18.33 -41.49 28.98
N SER D 131 18.30 -40.27 29.52
CA SER D 131 17.04 -39.64 29.95
C SER D 131 16.10 -39.41 28.77
N THR D 132 16.66 -38.81 27.71
CA THR D 132 15.91 -38.57 26.48
C THR D 132 15.32 -39.90 26.01
N LEU D 133 16.17 -40.93 25.92
CA LEU D 133 15.78 -42.24 25.39
C LEU D 133 14.74 -42.97 26.25
N MET D 134 14.89 -42.88 27.59
CA MET D 134 13.94 -43.46 28.53
C MET D 134 12.57 -42.79 28.49
N GLU D 135 12.57 -41.46 28.56
CA GLU D 135 11.34 -40.67 28.39
C GLU D 135 10.66 -40.91 27.02
N LEU D 136 11.47 -40.93 25.95
CA LEU D 136 10.92 -41.13 24.60
C LEU D 136 10.31 -42.51 24.48
N SER D 137 10.96 -43.52 25.07
CA SER D 137 10.49 -44.92 25.05
C SER D 137 9.25 -45.19 25.90
N HIS D 138 9.05 -44.35 26.92
CA HIS D 138 7.84 -44.45 27.78
C HIS D 138 6.60 -44.15 26.92
N GLN D 139 6.78 -43.25 25.93
CA GLN D 139 5.73 -42.88 24.97
C GLN D 139 5.74 -43.74 23.69
N LYS D 140 6.39 -44.90 23.74
CA LYS D 140 6.66 -45.74 22.56
C LYS D 140 7.29 -44.96 21.36
N GLN D 141 8.23 -44.04 21.67
CA GLN D 141 8.93 -43.24 20.65
C GLN D 141 10.45 -43.37 20.70
N ALA D 142 11.11 -42.91 19.64
CA ALA D 142 12.57 -42.88 19.57
C ALA D 142 13.01 -41.57 18.90
N PRO D 143 14.21 -41.07 19.24
CA PRO D 143 14.69 -39.89 18.53
C PRO D 143 14.71 -40.06 17.02
N ILE D 144 14.37 -39.01 16.29
CA ILE D 144 14.43 -39.02 14.84
C ILE D 144 15.85 -39.39 14.37
N SER D 145 15.96 -40.38 13.47
CA SER D 145 17.25 -40.79 12.93
C SER D 145 17.73 -39.90 11.76
N TYR D 146 18.96 -40.11 11.31
CA TYR D 146 19.49 -39.34 10.19
C TYR D 146 18.76 -39.67 8.90
N GLU D 147 18.45 -40.94 8.70
CA GLU D 147 17.77 -41.37 7.48
C GLU D 147 16.29 -40.93 7.48
N GLN D 148 15.62 -41.00 8.64
CA GLN D 148 14.29 -40.43 8.82
C GLN D 148 14.27 -38.94 8.48
N GLY D 149 15.35 -38.23 8.78
CA GLY D 149 15.45 -36.81 8.47
C GLY D 149 15.59 -36.54 6.99
N CYS D 150 16.31 -37.42 6.29
CA CYS D 150 16.38 -37.38 4.80
C CYS D 150 15.00 -37.60 4.18
N ALA D 151 14.26 -38.57 4.72
CA ALA D 151 12.90 -38.91 4.24
C ALA D 151 11.91 -37.77 4.49
N ILE D 152 11.99 -37.17 5.68
CA ILE D 152 11.19 -36.01 6.03
C ILE D 152 11.53 -34.82 5.11
N ALA D 153 12.82 -34.57 4.85
CA ALA D 153 13.23 -33.50 3.91
C ALA D 153 12.56 -33.63 2.53
N LYS D 154 12.56 -34.84 1.98
CA LYS D 154 11.95 -35.07 0.67
C LYS D 154 10.39 -34.92 0.72
N GLN D 155 9.79 -35.53 1.74
CA GLN D 155 8.37 -35.39 2.04
C GLN D 155 7.90 -33.91 2.26
N LEU D 156 8.75 -33.07 2.86
CA LEU D 156 8.47 -31.61 3.03
C LEU D 156 8.96 -30.74 1.87
N GLY D 157 9.48 -31.35 0.82
CA GLY D 157 9.95 -30.60 -0.34
C GLY D 157 11.12 -29.71 0.01
N ALA D 158 11.99 -30.18 0.91
CA ALA D 158 13.21 -29.47 1.26
C ALA D 158 14.34 -29.92 0.34
N GLU D 159 15.25 -29.01 0.04
CA GLU D 159 16.33 -29.31 -0.87
C GLU D 159 17.31 -30.35 -0.32
N ILE D 160 17.51 -30.34 0.99
CA ILE D 160 18.51 -31.19 1.63
C ILE D 160 18.16 -31.36 3.09
N TYR D 161 18.65 -32.44 3.69
CA TYR D 161 18.64 -32.61 5.14
C TYR D 161 20.07 -32.59 5.69
N LEU D 162 20.30 -31.70 6.66
CA LEU D 162 21.56 -31.57 7.37
C LEU D 162 21.26 -31.60 8.86
N GLU D 163 22.23 -32.03 9.66
CA GLU D 163 22.01 -32.08 11.10
C GLU D 163 23.29 -31.88 11.90
N GLY D 164 23.13 -31.48 13.15
CA GLY D 164 24.24 -31.34 14.06
C GLY D 164 23.85 -31.25 15.51
N SER D 165 24.83 -30.93 16.34
CA SER D 165 24.65 -30.72 17.76
C SER D 165 25.43 -29.46 18.12
N ALA D 166 24.71 -28.42 18.53
CA ALA D 166 25.32 -27.14 18.97
C ALA D 166 26.07 -27.33 20.30
N PHE D 167 25.65 -28.33 21.08
CA PHE D 167 26.22 -28.62 22.39
C PHE D 167 27.54 -29.40 22.32
N THR D 168 27.60 -30.46 21.52
CA THR D 168 28.78 -31.32 21.48
C THR D 168 29.66 -31.15 20.21
N SER D 169 29.21 -30.41 19.20
CA SER D 169 29.95 -30.33 17.94
C SER D 169 29.79 -28.99 17.19
N GLU D 170 30.56 -28.00 17.61
CA GLU D 170 30.81 -26.78 16.84
C GLU D 170 31.05 -27.09 15.35
N LYS D 171 31.86 -28.09 15.07
CA LYS D 171 32.26 -28.43 13.69
C LYS D 171 31.04 -28.80 12.81
N SER D 172 30.11 -29.57 13.38
CA SER D 172 28.87 -29.96 12.72
C SER D 172 27.98 -28.75 12.39
N ILE D 173 28.00 -27.74 13.23
CA ILE D 173 27.25 -26.52 12.97
C ILE D 173 27.89 -25.74 11.83
N HIS D 174 29.20 -25.58 11.87
CA HIS D 174 29.88 -24.90 10.78
C HIS D 174 29.63 -25.63 9.45
N SER D 175 29.60 -26.96 9.52
CA SER D 175 29.37 -27.82 8.36
C SER D 175 28.01 -27.56 7.70
N ILE D 176 26.96 -27.50 8.53
CA ILE D 176 25.61 -27.16 8.12
C ILE D 176 25.57 -25.86 7.32
N PHE D 177 26.23 -24.84 7.84
CA PHE D 177 26.18 -23.52 7.22
C PHE D 177 27.11 -23.38 6.05
N ARG D 178 28.20 -24.14 6.02
CA ARG D 178 29.07 -24.19 4.83
C ARG D 178 28.28 -24.82 3.67
N THR D 179 27.55 -25.91 3.95
CA THR D 179 26.72 -26.58 2.95
C THR D 179 25.55 -25.68 2.52
N ALA D 180 24.83 -25.12 3.49
CA ALA D 180 23.84 -24.07 3.20
C ALA D 180 24.40 -22.92 2.32
N SER D 181 25.60 -22.43 2.64
CA SER D 181 26.24 -21.39 1.83
C SER D 181 26.47 -21.80 0.37
N MET D 182 26.90 -23.04 0.16
CA MET D 182 27.15 -23.51 -1.20
C MET D 182 25.85 -23.86 -1.98
N LEU D 183 24.75 -24.03 -1.26
CA LEU D 183 23.44 -24.23 -1.89
C LEU D 183 22.84 -22.90 -2.37
N CYS D 184 22.96 -21.83 -1.57
CA CYS D 184 22.43 -20.51 -1.97
CA CYS D 184 22.43 -20.53 -1.97
C CYS D 184 23.29 -19.83 -3.02
N LEU D 185 24.39 -20.48 -3.44
CA LEU D 185 25.23 -20.00 -4.52
C LEU D 185 25.52 -21.13 -5.51
#